data_2M27
#
_entry.id   2M27
#
_entity_poly.entity_id   1
_entity_poly.type   'polydeoxyribonucleotide'
_entity_poly.pdbx_seq_one_letter_code
;(DC)(DG)(DG)(DG)(DG)(DC)(DG)(DG)(DG)(DC)(DC)(DT)(DT)(DG)(DG)(DG)(DC)(DG)(DG)(DG)
(DG)(DT)
;
_entity_poly.pdbx_strand_id   A
#